data_4ABK
#
_entry.id   4ABK
#
_cell.length_a   32.949
_cell.length_b   41.253
_cell.length_c   108.538
_cell.angle_alpha   90.00
_cell.angle_beta   90.00
_cell.angle_gamma   90.00
#
_symmetry.space_group_name_H-M   'P 21 21 21'
#
loop_
_entity.id
_entity.type
_entity.pdbx_description
1 polymer 'POLY [ADP-RIBOSE] POLYMERASE 14'
2 non-polymer '[(2R,3S,4R,5R)-5-(6-AMINOPURIN-9-YL)-3,4-DIHYDROXY-OXOLAN-2-YL]METHYL [HYDROXY-[[(2R,3S,4R,5S)-3,4,5-TRIHYDROXYOXOLAN-2-YL]METHOXY]PHOSPHORYL] HYDROGEN PHOSPHATE'
3 water water
#
_entity_poly.entity_id   1
_entity_poly.type   'polypeptide(L)'
_entity_poly.pdbx_seq_one_letter_code
;SMFYGTVSSPDSGVYEMKIGSIIFQVASGDITKEEADVIVNSTSNSFNLKAGVSKAILECAGQNVERECSQQAQQRKNDY
IITGGGFLRCKNIIHVIGGNDVKSSVSSVLQECEKKNYSSICLPAIGTGNAKQHPDKVAEAIIDAIEDFVQKGSAQSVKK
VKVVIFLPQVLDVFYANMKKREG
;
_entity_poly.pdbx_strand_id   A
#
loop_
_chem_comp.id
_chem_comp.type
_chem_comp.name
_chem_comp.formula
AR6 non-polymer '[(2R,3S,4R,5R)-5-(6-AMINOPURIN-9-YL)-3,4-DIHYDROXY-OXOLAN-2-YL]METHYL [HYDROXY-[[(2R,3S,4R,5S)-3,4,5-TRIHYDROXYOXOLAN-2-YL]METHOXY]PHOSPHORYL] HYDROGEN PHOSPHATE' 'C15 H23 N5 O14 P2'
#
# COMPACT_ATOMS: atom_id res chain seq x y z
N MET A 2 -2.89 21.31 -8.61
CA MET A 2 -4.37 21.13 -8.77
C MET A 2 -5.09 20.19 -7.78
N PHE A 3 -4.35 19.35 -7.08
CA PHE A 3 -4.97 18.39 -6.16
C PHE A 3 -4.50 18.40 -4.72
N TYR A 4 -3.33 18.96 -4.44
CA TYR A 4 -2.70 18.73 -3.14
C TYR A 4 -3.09 19.75 -2.09
N GLY A 5 -3.38 19.25 -0.90
CA GLY A 5 -3.62 20.08 0.26
C GLY A 5 -2.32 20.38 0.98
N THR A 6 -2.39 20.51 2.29
CA THR A 6 -1.29 20.90 3.16
C THR A 6 -0.91 19.74 4.05
N VAL A 7 0.38 19.58 4.28
CA VAL A 7 0.86 18.51 5.11
C VAL A 7 0.64 18.91 6.55
N SER A 8 -0.04 18.05 7.29
CA SER A 8 -0.22 18.27 8.71
C SER A 8 0.09 16.98 9.47
N SER A 9 0.05 17.01 10.79
CA SER A 9 0.36 15.84 11.60
C SER A 9 -0.69 15.62 12.67
N PRO A 10 -1.44 14.52 12.59
CA PRO A 10 -2.40 14.20 13.66
C PRO A 10 -1.85 13.44 14.88
N ASP A 11 -0.63 12.91 14.78
CA ASP A 11 0.02 12.24 15.90
C ASP A 11 1.51 12.31 15.68
N SER A 12 2.30 12.13 16.73
CA SER A 12 3.73 12.08 16.49
C SER A 12 4.01 10.95 15.52
N GLY A 13 4.88 11.20 14.54
CA GLY A 13 5.25 10.18 13.56
C GLY A 13 4.21 9.91 12.49
N VAL A 14 3.15 10.70 12.43
CA VAL A 14 2.12 10.59 11.40
C VAL A 14 1.92 11.90 10.66
N TYR A 15 1.88 11.84 9.33
CA TYR A 15 1.69 13.04 8.51
C TYR A 15 0.65 12.74 7.46
N GLU A 16 -0.17 13.73 7.14
CA GLU A 16 -1.20 13.55 6.14
C GLU A 16 -1.40 14.78 5.28
N MET A 17 -1.94 14.57 4.09
CA MET A 17 -2.32 15.65 3.22
C MET A 17 -3.42 15.17 2.30
N LYS A 18 -4.29 16.08 1.89
CA LYS A 18 -5.29 15.72 0.91
C LYS A 18 -4.67 15.66 -0.48
N ILE A 19 -5.14 14.71 -1.27
CA ILE A 19 -4.84 14.62 -2.68
C ILE A 19 -6.20 14.46 -3.33
N GLY A 20 -6.74 15.56 -3.85
CA GLY A 20 -8.16 15.60 -4.22
C GLY A 20 -9.06 15.27 -3.04
N SER A 21 -9.91 14.26 -3.17
CA SER A 21 -10.79 13.84 -2.11
C SER A 21 -10.18 12.80 -1.16
N ILE A 22 -8.97 12.34 -1.46
CA ILE A 22 -8.35 11.28 -0.68
C ILE A 22 -7.43 11.86 0.41
N ILE A 23 -7.50 11.32 1.60
CA ILE A 23 -6.54 11.66 2.65
C ILE A 23 -5.41 10.66 2.52
N PHE A 24 -4.21 11.17 2.24
CA PHE A 24 -3.01 10.38 2.12
C PHE A 24 -2.23 10.56 3.41
N GLN A 25 -1.91 9.45 4.08
CA GLN A 25 -1.23 9.50 5.38
C GLN A 25 0.02 8.64 5.31
N VAL A 26 1.05 9.06 6.01
CA VAL A 26 2.20 8.18 6.24
C VAL A 26 2.41 8.12 7.73
N ALA A 27 2.71 6.93 8.23
CA ALA A 27 2.87 6.74 9.67
C ALA A 27 3.96 5.73 9.94
N SER A 28 4.61 5.87 11.09
CA SER A 28 5.56 4.88 11.53
C SER A 28 4.87 3.75 12.22
N GLY A 29 5.29 2.54 11.90
CA GLY A 29 4.82 1.39 12.64
C GLY A 29 4.85 0.05 11.90
N ASP A 30 4.09 -0.87 12.45
CA ASP A 30 3.96 -2.25 11.98
C ASP A 30 2.61 -2.35 11.29
N ILE A 31 2.63 -2.63 10.00
CA ILE A 31 1.40 -2.67 9.23
C ILE A 31 0.38 -3.68 9.75
N THR A 32 0.86 -4.74 10.39
CA THR A 32 -0.05 -5.80 10.87
C THR A 32 -0.93 -5.34 12.04
N LYS A 33 -0.64 -4.17 12.62
CA LYS A 33 -1.48 -3.56 13.69
C LYS A 33 -2.62 -2.73 13.11
N GLU A 34 -2.60 -2.51 11.80
CA GLU A 34 -3.57 -1.64 11.16
C GLU A 34 -4.89 -2.34 10.82
N GLU A 35 -5.94 -1.53 10.81
CA GLU A 35 -7.25 -1.93 10.28
C GLU A 35 -7.51 -1.09 9.03
N ALA A 36 -7.88 -1.75 7.93
CA ALA A 36 -8.24 -1.09 6.68
C ALA A 36 -9.00 -2.08 5.84
N ASP A 37 -9.75 -1.59 4.86
CA ASP A 37 -10.42 -2.51 3.95
C ASP A 37 -9.42 -3.42 3.24
N VAL A 38 -8.35 -2.84 2.70
CA VAL A 38 -7.29 -3.61 2.09
C VAL A 38 -5.98 -3.30 2.77
N ILE A 39 -5.23 -4.35 3.07
CA ILE A 39 -3.80 -4.23 3.42
C ILE A 39 -3.01 -4.80 2.26
N VAL A 40 -1.94 -4.09 1.89
CA VAL A 40 -1.08 -4.48 0.78
C VAL A 40 0.15 -5.19 1.31
N ASN A 41 0.45 -6.34 0.71
CA ASN A 41 1.67 -7.08 0.98
C ASN A 41 2.62 -6.83 -0.17
N SER A 42 3.92 -6.74 0.12
CA SER A 42 4.95 -6.55 -0.88
C SER A 42 5.79 -7.81 -0.83
N THR A 43 5.72 -8.58 -1.90
CA THR A 43 6.26 -9.94 -1.93
C THR A 43 7.06 -10.22 -3.21
N SER A 44 7.49 -11.47 -3.37
CA SER A 44 8.25 -11.87 -4.53
C SER A 44 7.31 -12.39 -5.61
N ASN A 45 7.88 -12.68 -6.78
CA ASN A 45 7.13 -13.16 -7.94
C ASN A 45 6.40 -14.49 -7.72
N SER A 46 6.81 -15.22 -6.68
CA SER A 46 6.19 -16.49 -6.31
C SER A 46 5.05 -16.33 -5.31
N PHE A 47 4.91 -15.14 -4.71
CA PHE A 47 3.89 -14.88 -3.70
C PHE A 47 4.03 -15.74 -2.45
N ASN A 48 5.24 -16.25 -2.23
CA ASN A 48 5.49 -17.04 -1.00
CA ASN A 48 5.63 -17.17 -1.14
C ASN A 48 6.69 -16.54 -0.22
N LEU A 49 7.11 -15.32 -0.50
CA LEU A 49 8.14 -14.70 0.32
C LEU A 49 7.67 -14.60 1.77
N LYS A 50 8.57 -14.87 2.72
CA LYS A 50 8.29 -14.72 4.15
C LYS A 50 9.54 -14.14 4.79
N ALA A 51 9.83 -12.91 4.40
CA ALA A 51 10.93 -12.15 4.92
C ALA A 51 10.52 -10.67 4.87
N GLY A 52 10.88 -9.90 5.88
CA GLY A 52 10.53 -8.48 5.91
C GLY A 52 9.03 -8.36 6.12
N VAL A 53 8.40 -7.44 5.42
CA VAL A 53 6.97 -7.19 5.66
C VAL A 53 6.11 -8.39 5.31
N SER A 54 6.52 -9.16 4.30
CA SER A 54 5.76 -10.34 3.91
C SER A 54 5.73 -11.40 5.04
N LYS A 55 6.81 -11.50 5.81
CA LYS A 55 6.84 -12.39 6.98
C LYS A 55 5.86 -11.93 8.02
N ALA A 56 5.85 -10.62 8.32
CA ALA A 56 4.93 -10.06 9.33
C ALA A 56 3.50 -10.29 8.88
N ILE A 57 3.25 -10.05 7.62
CA ILE A 57 1.90 -10.19 7.10
C ILE A 57 1.41 -11.64 7.10
N LEU A 58 2.22 -12.56 6.57
CA LEU A 58 1.78 -13.97 6.45
C LEU A 58 1.67 -14.65 7.80
N GLU A 59 2.63 -14.35 8.68
CA GLU A 59 2.58 -14.92 10.03
C GLU A 59 1.31 -14.46 10.77
N CYS A 60 0.93 -13.18 10.66
CA CYS A 60 -0.29 -12.69 11.30
CA CYS A 60 -0.29 -12.66 11.29
C CYS A 60 -1.55 -13.11 10.56
N ALA A 61 -1.53 -13.10 9.23
CA ALA A 61 -2.72 -13.46 8.46
C ALA A 61 -3.09 -14.95 8.70
N GLY A 62 -2.07 -15.79 8.81
CA GLY A 62 -2.29 -17.21 9.10
C GLY A 62 -2.14 -18.15 7.92
N GLN A 63 -2.16 -19.46 8.22
CA GLN A 63 -1.85 -20.47 7.19
C GLN A 63 -2.88 -20.58 6.06
N ASN A 64 -4.16 -20.27 6.32
CA ASN A 64 -5.14 -20.29 5.23
C ASN A 64 -4.84 -19.27 4.13
N VAL A 65 -4.33 -18.10 4.55
CA VAL A 65 -3.91 -17.07 3.60
C VAL A 65 -2.67 -17.52 2.83
N GLU A 66 -1.74 -18.15 3.53
CA GLU A 66 -0.55 -18.70 2.89
C GLU A 66 -0.96 -19.71 1.80
N ARG A 67 -1.91 -20.59 2.11
CA ARG A 67 -2.38 -21.54 1.11
C ARG A 67 -3.04 -20.86 -0.08
N GLU A 68 -3.86 -19.84 0.20
CA GLU A 68 -4.53 -19.04 -0.84
C GLU A 68 -3.52 -18.45 -1.83
N CYS A 69 -2.44 -17.88 -1.30
CA CYS A 69 -1.38 -17.30 -2.12
C CYS A 69 -0.78 -18.32 -3.08
N SER A 70 -0.36 -19.46 -2.54
CA SER A 70 0.29 -20.47 -3.37
C SER A 70 -0.65 -20.97 -4.47
N GLN A 71 -1.89 -21.25 -4.08
CA GLN A 71 -2.90 -21.72 -5.04
C GLN A 71 -3.11 -20.72 -6.17
N GLN A 72 -3.38 -19.46 -5.84
CA GLN A 72 -3.59 -18.46 -6.87
C GLN A 72 -2.35 -18.27 -7.75
N ALA A 73 -1.18 -18.34 -7.13
CA ALA A 73 0.08 -18.18 -7.85
C ALA A 73 0.21 -19.24 -8.95
N GLN A 74 -0.33 -20.43 -8.71
CA GLN A 74 -0.38 -21.49 -9.72
C GLN A 74 -1.25 -21.03 -10.88
N GLN A 75 -2.53 -20.79 -10.57
CA GLN A 75 -3.58 -20.57 -11.58
C GLN A 75 -3.12 -19.81 -12.81
N ARG A 76 -2.46 -18.67 -12.57
CA ARG A 76 -2.12 -17.72 -13.65
C ARG A 76 -0.69 -17.24 -13.51
N LYS A 77 -0.25 -16.43 -14.48
CA LYS A 77 1.05 -15.72 -14.42
C LYS A 77 0.85 -14.32 -13.82
N ASN A 78 0.41 -14.29 -12.56
CA ASN A 78 -0.14 -13.09 -11.89
C ASN A 78 0.84 -11.95 -11.66
N ASP A 79 0.33 -10.71 -11.85
CA ASP A 79 1.08 -9.47 -11.51
CA ASP A 79 1.05 -9.48 -11.52
C ASP A 79 0.85 -9.09 -10.04
N TYR A 80 -0.33 -9.42 -9.55
CA TYR A 80 -0.65 -9.31 -8.14
C TYR A 80 -1.73 -10.32 -7.86
N ILE A 81 -1.91 -10.66 -6.60
CA ILE A 81 -3.00 -11.52 -6.21
C ILE A 81 -3.81 -10.91 -5.10
N ILE A 82 -5.08 -11.33 -5.01
CA ILE A 82 -5.98 -10.90 -3.95
C ILE A 82 -6.37 -12.11 -3.13
N THR A 83 -6.17 -12.01 -1.81
CA THR A 83 -6.60 -13.04 -0.90
C THR A 83 -7.50 -12.46 0.17
N GLY A 84 -8.10 -13.33 0.97
CA GLY A 84 -8.73 -12.88 2.19
C GLY A 84 -7.70 -12.29 3.13
N GLY A 85 -8.19 -11.67 4.19
CA GLY A 85 -7.31 -11.05 5.19
C GLY A 85 -6.83 -11.93 6.31
N GLY A 86 -7.41 -13.14 6.42
CA GLY A 86 -7.08 -14.02 7.54
C GLY A 86 -7.28 -13.32 8.85
N PHE A 87 -6.29 -13.42 9.72
CA PHE A 87 -6.37 -12.79 11.02
C PHE A 87 -5.80 -11.37 11.08
N LEU A 88 -5.60 -10.78 9.91
CA LEU A 88 -5.33 -9.36 9.83
C LEU A 88 -6.66 -8.65 9.83
N ARG A 89 -6.61 -7.41 10.27
CA ARG A 89 -7.83 -6.59 10.32
C ARG A 89 -8.10 -5.90 8.99
N CYS A 90 -8.44 -6.72 8.02
CA CYS A 90 -8.81 -6.23 6.71
C CYS A 90 -9.77 -7.19 6.03
N LYS A 91 -10.42 -6.69 4.96
CA LYS A 91 -11.32 -7.50 4.14
C LYS A 91 -10.58 -8.32 3.09
N ASN A 92 -9.49 -7.76 2.58
CA ASN A 92 -8.67 -8.44 1.61
C ASN A 92 -7.21 -7.97 1.76
N ILE A 93 -6.29 -8.86 1.43
CA ILE A 93 -4.91 -8.52 1.21
C ILE A 93 -4.67 -8.54 -0.29
N ILE A 94 -4.06 -7.48 -0.80
CA ILE A 94 -3.58 -7.43 -2.18
C ILE A 94 -2.08 -7.57 -2.12
N HIS A 95 -1.59 -8.63 -2.74
CA HIS A 95 -0.14 -8.94 -2.71
C HIS A 95 0.45 -8.49 -4.04
N VAL A 96 1.32 -7.48 -3.97
CA VAL A 96 2.03 -6.97 -5.13
C VAL A 96 3.48 -7.39 -5.05
N ILE A 97 4.18 -7.30 -6.18
CA ILE A 97 5.58 -7.73 -6.26
C ILE A 97 6.50 -6.55 -5.99
N GLY A 98 7.35 -6.66 -4.97
CA GLY A 98 8.23 -5.59 -4.56
C GLY A 98 9.22 -5.06 -5.58
N GLY A 99 9.66 -5.92 -6.49
CA GLY A 99 10.51 -5.52 -7.58
C GLY A 99 9.82 -4.89 -8.77
N ASN A 100 8.50 -4.97 -8.82
CA ASN A 100 7.72 -4.44 -9.94
C ASN A 100 7.56 -2.91 -9.83
N ASP A 101 7.16 -2.29 -10.93
CA ASP A 101 6.89 -0.84 -10.99
C ASP A 101 5.85 -0.47 -9.91
N VAL A 102 6.28 0.38 -8.99
CA VAL A 102 5.44 0.70 -7.84
C VAL A 102 4.21 1.49 -8.26
N LYS A 103 4.34 2.38 -9.24
CA LYS A 103 3.20 3.16 -9.66
C LYS A 103 2.10 2.25 -10.23
N SER A 104 2.49 1.31 -11.06
CA SER A 104 1.57 0.30 -11.61
C SER A 104 0.91 -0.50 -10.49
N SER A 105 1.71 -0.92 -9.52
CA SER A 105 1.19 -1.73 -8.43
C SER A 105 0.14 -0.97 -7.63
N VAL A 106 0.42 0.30 -7.30
CA VAL A 106 -0.51 1.11 -6.52
C VAL A 106 -1.77 1.41 -7.33
N SER A 107 -1.59 1.69 -8.62
CA SER A 107 -2.74 1.89 -9.48
C SER A 107 -3.69 0.70 -9.48
N SER A 108 -3.14 -0.51 -9.54
CA SER A 108 -3.90 -1.77 -9.46
C SER A 108 -4.65 -1.88 -8.15
N VAL A 109 -3.96 -1.61 -7.06
CA VAL A 109 -4.58 -1.63 -5.76
C VAL A 109 -5.80 -0.65 -5.69
N LEU A 110 -5.60 0.56 -6.19
CA LEU A 110 -6.65 1.59 -6.14
C LEU A 110 -7.85 1.12 -6.98
N GLN A 111 -7.58 0.63 -8.19
CA GLN A 111 -8.64 0.09 -9.04
C GLN A 111 -9.44 -1.02 -8.36
N GLU A 112 -8.74 -1.96 -7.71
CA GLU A 112 -9.40 -3.07 -7.06
C GLU A 112 -10.25 -2.60 -5.89
N CYS A 113 -9.77 -1.58 -5.20
CA CYS A 113 -10.55 -1.02 -4.10
C CYS A 113 -11.82 -0.33 -4.57
N GLU A 114 -11.77 0.38 -5.70
CA GLU A 114 -13.00 0.93 -6.24
C GLU A 114 -13.98 -0.15 -6.66
N LYS A 115 -13.46 -1.23 -7.28
CA LYS A 115 -14.30 -2.34 -7.69
C LYS A 115 -15.08 -2.92 -6.53
N LYS A 116 -14.50 -2.89 -5.32
CA LYS A 116 -15.15 -3.44 -4.15
C LYS A 116 -15.82 -2.42 -3.24
N ASN A 117 -15.86 -1.17 -3.70
CA ASN A 117 -16.40 -0.03 -2.94
C ASN A 117 -15.73 0.11 -1.58
N TYR A 118 -14.43 -0.13 -1.55
CA TYR A 118 -13.65 0.02 -0.33
C TYR A 118 -13.22 1.47 -0.16
N SER A 119 -13.10 1.88 1.10
CA SER A 119 -12.74 3.26 1.41
C SER A 119 -11.33 3.42 1.94
N SER A 120 -10.76 2.38 2.52
CA SER A 120 -9.45 2.53 3.19
C SER A 120 -8.43 1.50 2.71
N ILE A 121 -7.17 1.96 2.57
CA ILE A 121 -6.06 1.13 2.14
C ILE A 121 -4.90 1.44 3.03
N CYS A 122 -4.20 0.37 3.44
CA CYS A 122 -2.92 0.52 4.10
CA CYS A 122 -2.89 0.51 4.11
C CYS A 122 -1.87 -0.24 3.29
N LEU A 123 -0.73 0.37 3.05
CA LEU A 123 0.35 -0.33 2.36
C LEU A 123 1.68 -0.03 2.96
N PRO A 124 2.63 -0.94 2.77
CA PRO A 124 4.00 -0.62 3.16
C PRO A 124 4.72 0.17 2.12
N ALA A 125 5.97 0.55 2.41
CA ALA A 125 6.81 1.21 1.45
C ALA A 125 7.36 0.16 0.48
N ILE A 126 6.51 -0.23 -0.47
CA ILE A 126 6.76 -1.29 -1.46
C ILE A 126 8.11 -1.12 -2.07
N GLY A 127 8.90 -2.18 -2.00
CA GLY A 127 10.19 -2.21 -2.68
C GLY A 127 11.39 -1.65 -1.98
N THR A 128 11.22 -1.08 -0.78
CA THR A 128 12.31 -0.35 -0.10
C THR A 128 13.18 -1.18 0.85
N GLY A 129 12.97 -2.48 0.86
CA GLY A 129 13.76 -3.38 1.68
C GLY A 129 14.62 -4.19 0.76
N ASN A 130 14.35 -5.49 0.73
CA ASN A 130 15.19 -6.41 -0.04
C ASN A 130 15.15 -6.11 -1.53
N ALA A 131 14.06 -5.52 -2.01
CA ALA A 131 13.98 -5.13 -3.45
C ALA A 131 14.96 -4.03 -3.80
N LYS A 132 15.43 -3.28 -2.79
CA LYS A 132 16.39 -2.16 -3.01
C LYS A 132 15.97 -1.12 -4.02
N GLN A 133 14.67 -0.86 -4.12
CA GLN A 133 14.22 0.31 -4.82
C GLN A 133 14.47 1.50 -3.91
N HIS A 134 14.88 2.62 -4.49
CA HIS A 134 15.21 3.78 -3.68
C HIS A 134 13.96 4.34 -3.03
N PRO A 135 14.00 4.64 -1.71
CA PRO A 135 12.78 5.16 -1.10
C PRO A 135 12.21 6.41 -1.77
N ASP A 136 13.02 7.30 -2.31
CA ASP A 136 12.45 8.50 -2.89
C ASP A 136 11.70 8.16 -4.19
N LYS A 137 12.24 7.23 -4.96
CA LYS A 137 11.55 6.79 -6.16
C LYS A 137 10.24 6.07 -5.82
N VAL A 138 10.24 5.29 -4.74
CA VAL A 138 9.05 4.59 -4.27
C VAL A 138 8.01 5.60 -3.80
N ALA A 139 8.44 6.58 -3.01
CA ALA A 139 7.50 7.61 -2.54
C ALA A 139 6.89 8.35 -3.70
N GLU A 140 7.73 8.71 -4.66
CA GLU A 140 7.29 9.45 -5.84
C GLU A 140 6.24 8.64 -6.55
N ALA A 141 6.49 7.33 -6.69
CA ALA A 141 5.60 6.47 -7.46
C ALA A 141 4.26 6.28 -6.79
N ILE A 142 4.28 6.09 -5.47
CA ILE A 142 3.03 5.90 -4.71
C ILE A 142 2.16 7.13 -4.82
N ILE A 143 2.75 8.30 -4.59
CA ILE A 143 1.98 9.52 -4.60
C ILE A 143 1.50 9.84 -6.05
N ASP A 144 2.38 9.65 -7.02
CA ASP A 144 2.01 9.79 -8.43
C ASP A 144 0.80 8.92 -8.81
N ALA A 145 0.78 7.67 -8.33
CA ALA A 145 -0.32 6.77 -8.65
C ALA A 145 -1.61 7.34 -8.12
N ILE A 146 -1.58 7.87 -6.89
CA ILE A 146 -2.78 8.41 -6.28
C ILE A 146 -3.23 9.67 -7.03
N GLU A 147 -2.28 10.55 -7.34
CA GLU A 147 -2.60 11.77 -8.08
C GLU A 147 -3.24 11.44 -9.43
N ASP A 148 -2.70 10.45 -10.13
CA ASP A 148 -3.24 10.05 -11.44
CA ASP A 148 -3.24 10.05 -11.44
C ASP A 148 -4.65 9.52 -11.29
N PHE A 149 -4.87 8.75 -10.23
CA PHE A 149 -6.16 8.15 -9.96
C PHE A 149 -7.19 9.26 -9.76
N VAL A 150 -6.82 10.25 -8.97
CA VAL A 150 -7.71 11.35 -8.65
C VAL A 150 -7.96 12.20 -9.89
N GLN A 151 -6.91 12.46 -10.65
CA GLN A 151 -7.01 13.29 -11.87
C GLN A 151 -8.01 12.69 -12.86
N LYS A 152 -7.96 11.38 -12.98
CA LYS A 152 -8.82 10.66 -13.93
C LYS A 152 -10.26 10.56 -13.47
N GLY A 153 -10.56 11.07 -12.28
CA GLY A 153 -11.89 10.97 -11.68
C GLY A 153 -12.31 9.58 -11.19
N SER A 154 -11.32 8.74 -10.92
CA SER A 154 -11.58 7.34 -10.55
C SER A 154 -11.85 7.16 -9.06
N ALA A 155 -11.46 8.14 -8.26
CA ALA A 155 -11.61 8.09 -6.81
C ALA A 155 -13.03 8.41 -6.42
N GLN A 156 -13.77 7.40 -6.04
CA GLN A 156 -15.14 7.58 -5.58
C GLN A 156 -15.32 6.96 -4.21
N SER A 157 -15.07 5.67 -4.08
CA SER A 157 -15.16 4.99 -2.79
CA SER A 157 -15.16 4.98 -2.79
C SER A 157 -13.92 5.19 -1.92
N VAL A 158 -12.76 5.17 -2.54
CA VAL A 158 -11.51 5.27 -1.81
C VAL A 158 -11.39 6.68 -1.20
N LYS A 159 -11.19 6.72 0.11
CA LYS A 159 -11.09 7.98 0.86
CA LYS A 159 -11.11 7.97 0.88
C LYS A 159 -9.82 8.13 1.66
N LYS A 160 -9.14 7.03 1.94
CA LYS A 160 -7.97 7.08 2.80
C LYS A 160 -6.95 6.07 2.31
N VAL A 161 -5.68 6.52 2.16
CA VAL A 161 -4.57 5.66 1.76
C VAL A 161 -3.46 5.97 2.73
N LYS A 162 -3.04 4.97 3.50
CA LYS A 162 -2.02 5.14 4.54
C LYS A 162 -0.82 4.27 4.20
N VAL A 163 0.38 4.85 4.17
CA VAL A 163 1.59 4.07 4.05
C VAL A 163 2.16 3.94 5.43
N VAL A 164 2.32 2.72 5.88
CA VAL A 164 2.95 2.48 7.17
C VAL A 164 4.39 2.13 6.93
N ILE A 165 5.28 2.86 7.60
CA ILE A 165 6.70 2.86 7.33
C ILE A 165 7.46 2.38 8.57
N PHE A 166 8.50 1.61 8.32
CA PHE A 166 9.12 0.86 9.38
C PHE A 166 10.27 1.60 10.04
N LEU A 167 11.00 2.46 9.31
CA LEU A 167 12.10 3.25 9.90
C LEU A 167 12.04 4.75 9.60
N PRO A 168 12.59 5.58 10.52
CA PRO A 168 12.70 7.05 10.33
C PRO A 168 13.29 7.46 9.00
N GLN A 169 14.32 6.75 8.55
CA GLN A 169 14.95 7.12 7.32
C GLN A 169 13.96 7.09 6.17
N VAL A 170 13.02 6.14 6.20
CA VAL A 170 12.08 6.06 5.09
C VAL A 170 10.93 7.06 5.31
N LEU A 171 10.49 7.23 6.56
CA LEU A 171 9.45 8.21 6.89
C LEU A 171 9.85 9.61 6.41
N ASP A 172 11.09 9.99 6.69
CA ASP A 172 11.56 11.34 6.35
C ASP A 172 11.53 11.58 4.84
N VAL A 173 11.81 10.55 4.06
CA VAL A 173 11.79 10.63 2.61
C VAL A 173 10.35 10.85 2.12
N PHE A 174 9.42 10.07 2.66
CA PHE A 174 8.01 10.28 2.31
C PHE A 174 7.55 11.66 2.71
N TYR A 175 7.89 12.11 3.91
CA TYR A 175 7.47 13.44 4.31
C TYR A 175 8.02 14.49 3.35
N ALA A 176 9.28 14.35 2.95
CA ALA A 176 9.88 15.32 2.04
C ALA A 176 9.12 15.38 0.69
N ASN A 177 8.71 14.21 0.21
CA ASN A 177 8.03 14.11 -1.06
C ASN A 177 6.62 14.71 -0.94
N MET A 178 5.98 14.53 0.20
CA MET A 178 4.68 15.17 0.44
C MET A 178 4.81 16.69 0.50
N LYS A 179 5.81 17.16 1.23
CA LYS A 179 6.02 18.59 1.42
C LYS A 179 6.29 19.30 0.08
N LYS A 180 7.06 18.66 -0.78
CA LYS A 180 7.35 19.17 -2.11
C LYS A 180 6.09 19.40 -2.95
N ARG A 181 5.06 18.60 -2.71
CA ARG A 181 3.85 18.66 -3.51
C ARG A 181 2.80 19.59 -2.95
N GLU A 182 2.95 19.99 -1.69
CA GLU A 182 1.84 20.65 -1.03
C GLU A 182 1.48 21.95 -1.72
N GLY A 183 0.18 22.27 -1.65
CA GLY A 183 -0.35 23.52 -2.19
C GLY A 183 -0.14 24.65 -1.19
N1 AR6 B . 5.28 -3.14 8.63
C2 AR6 B . 5.55 -2.21 7.72
N3 AR6 B . 6.67 -2.20 7.02
C4 AR6 B . 7.55 -3.20 7.24
C5 AR6 B . 7.33 -4.17 8.19
C6 AR6 B . 6.12 -4.15 8.91
N6 AR6 B . 5.81 -5.10 9.83
N7 AR6 B . 8.40 -5.00 8.18
C8 AR6 B . 9.24 -4.51 7.26
N9 AR6 B . 8.76 -3.40 6.70
PA AR6 B . 10.66 -5.92 2.20
PB AR6 B . 10.50 -5.43 -0.69
C1' AR6 B . 9.32 -2.53 5.65
O1A AR6 B . 9.71 -6.61 3.11
O1B AR6 B . 9.29 -4.97 -1.37
C1D AR6 B . 11.74 -8.23 -4.63
O1D AR6 B . 11.71 -9.45 -5.34
C2' AR6 B . 10.81 -2.61 5.39
O2' AR6 B . 11.50 -1.86 6.37
O2A AR6 B . 12.11 -6.37 2.23
O2B AR6 B . 11.68 -4.52 -0.60
C2D AR6 B . 12.74 -8.46 -3.49
O2D AR6 B . 13.91 -9.21 -3.94
C3' AR6 B . 10.90 -1.95 4.03
O3' AR6 B . 10.94 -0.54 4.22
O3A AR6 B . 10.03 -5.97 0.77
C3D AR6 B . 11.91 -9.22 -2.49
O3D AR6 B . 12.07 -10.64 -2.60
C4' AR6 B . 9.59 -2.36 3.32
O4' AR6 B . 8.79 -2.98 4.36
C4D AR6 B . 10.45 -8.79 -2.81
O4D AR6 B . 10.49 -7.94 -3.93
C5' AR6 B . 9.63 -3.42 2.26
O5' AR6 B . 10.70 -4.41 2.59
C5D AR6 B . 9.99 -7.85 -1.65
O5D AR6 B . 10.97 -6.76 -1.36
#